data_1OFL
#
_entry.id   1OFL
#
_cell.length_a   50.574
_cell.length_b   73.989
_cell.length_c   59.063
_cell.angle_alpha   90.00
_cell.angle_beta   93.93
_cell.angle_gamma   90.00
#
_symmetry.space_group_name_H-M   'P 1 21 1'
#
loop_
_entity.id
_entity.type
_entity.pdbx_description
1 polymer 'CHONDROITINASE B'
2 branched 'alpha-D-galactopyranose-(1-3)-[beta-D-glucopyranose-(1-4)]2-O-methyl-alpha-L-fucopyranose-(1-4)-beta-D-xylopyranose-(1-4)-alpha-D-glucopyranuronic acid-(1-2)-[alpha-L-rhamnopyranose-(1-4)]alpha-D-mannopyranose'
3 branched '4-deoxy-alpha-L-threo-hex-4-enopyranuronic acid-(1-3)-2-acetamido-2-deoxy-4-O-sulfo-beta-D-galactopyranose'
4 branched '4-deoxy-alpha-L-threo-hex-4-enopyranuronic acid-(1-3)-2-acetamido-2-deoxy-4-O-sulfo-alpha-D-galactopyranose'
5 non-polymer 'CALCIUM ION'
6 water water
#
_entity_poly.entity_id   1
_entity_poly.type   'polypeptide(L)'
_entity_poly.pdbx_seq_one_letter_code
;(PCA)VVASNETLYQVVKEVKPGGLVQIADGTYKDVQLIVSNSGKSGLPITIKALNPGKVFFTGDAKVELRGEHLILEGI
WFKDGNRAIQAWKSHGPGLVAIYGSYNRITACVFDCFDEANSAYITTSLTEDGKVPQHCRIDHCSFTDKITFDQVINLNN
TARAIKDGSVGGPAMYHRVDHCFFSNPQKPGNAGGGIRIGYYRNDIGRCLVDSNLFMRQDSEAEIITSKSQENVYYGNTY
LNCQGTMNFRHGDHQVAINNFYIGNDQRFGYGGMFVWGSRHVIACNYFELSETIKSRGNAALYLNPGAMASEHALAFDML
IANNAFINVNGYAIHFNPLDERRKEYCAANRLKFETPHQLMLKGNLFFKDKPYVYPFFKDDYFIAGKNSWTGNVALGVEK
GIPVNISANRSAYKPVKIKDIQPIEGIALDLNALISKGITGKPLSWDEVRPYWLKEMPGTYALTARLSADRAAKFKAVIK
RNKEH
;
_entity_poly.pdbx_strand_id   A
#
# COMPACT_ATOMS: atom_id res chain seq x y z
N VAL A 2 -10.38 -20.69 27.78
CA VAL A 2 -11.48 -19.71 27.51
C VAL A 2 -11.47 -18.65 28.58
N VAL A 3 -11.45 -17.40 28.13
CA VAL A 3 -11.51 -16.24 29.05
C VAL A 3 -12.69 -15.33 28.66
N ALA A 4 -13.34 -14.74 29.66
CA ALA A 4 -14.57 -13.97 29.43
C ALA A 4 -14.53 -12.58 29.98
N SER A 5 -13.36 -12.15 30.44
CA SER A 5 -13.23 -10.74 30.91
C SER A 5 -11.83 -10.22 30.61
N ASN A 6 -11.65 -8.88 30.65
CA ASN A 6 -10.32 -8.31 30.51
C ASN A 6 -9.29 -8.92 31.48
N GLU A 7 -9.66 -8.98 32.76
CA GLU A 7 -8.71 -9.48 33.76
C GLU A 7 -8.29 -10.91 33.55
N THR A 8 -9.26 -11.76 33.20
CA THR A 8 -8.90 -13.14 32.93
C THR A 8 -8.08 -13.34 31.67
N LEU A 9 -8.38 -12.56 30.65
CA LEU A 9 -7.53 -12.53 29.47
C LEU A 9 -6.09 -12.13 29.83
N TYR A 10 -5.93 -11.04 30.62
CA TYR A 10 -4.59 -10.62 31.02
C TYR A 10 -3.83 -11.75 31.70
N GLN A 11 -4.51 -12.45 32.58
CA GLN A 11 -3.87 -13.52 33.37
C GLN A 11 -3.43 -14.70 32.49
N VAL A 12 -4.34 -15.17 31.63
CA VAL A 12 -4.06 -16.34 30.83
C VAL A 12 -2.93 -16.07 29.83
N VAL A 13 -2.89 -14.84 29.32
CA VAL A 13 -1.76 -14.51 28.43
C VAL A 13 -0.41 -14.42 29.10
N LYS A 14 -0.38 -14.15 30.40
CA LYS A 14 0.87 -14.21 31.17
C LYS A 14 1.38 -15.65 31.34
N GLU A 15 0.48 -16.63 31.27
CA GLU A 15 0.87 -18.01 31.56
C GLU A 15 0.97 -18.88 30.32
N VAL A 16 0.44 -18.40 29.17
CA VAL A 16 0.24 -19.31 28.06
C VAL A 16 1.60 -19.80 27.51
N LYS A 17 1.67 -21.06 27.09
CA LYS A 17 2.92 -21.70 26.64
C LYS A 17 2.93 -21.88 25.13
N PRO A 18 4.09 -22.10 24.49
CA PRO A 18 4.13 -22.38 23.04
C PRO A 18 3.10 -23.42 22.71
N GLY A 19 2.37 -23.21 21.62
CA GLY A 19 1.36 -24.12 21.14
C GLY A 19 0.01 -23.87 21.82
N GLY A 20 -0.03 -22.93 22.73
CA GLY A 20 -1.22 -22.62 23.51
C GLY A 20 -2.31 -21.98 22.67
N LEU A 21 -3.55 -22.05 23.17
CA LEU A 21 -4.73 -21.53 22.43
C LEU A 21 -5.58 -20.79 23.49
N VAL A 22 -5.72 -19.45 23.34
CA VAL A 22 -6.54 -18.62 24.22
C VAL A 22 -7.76 -18.21 23.42
N GLN A 23 -8.92 -18.60 23.88
CA GLN A 23 -10.18 -18.26 23.21
C GLN A 23 -10.98 -17.27 24.03
N ILE A 24 -11.44 -16.19 23.37
CA ILE A 24 -12.14 -15.13 24.05
C ILE A 24 -13.61 -15.36 23.86
N ALA A 25 -14.33 -15.48 24.97
CA ALA A 25 -15.76 -15.74 24.96
C ALA A 25 -16.49 -14.59 24.31
N ASP A 26 -17.67 -14.88 23.78
CA ASP A 26 -18.49 -13.81 23.18
C ASP A 26 -18.63 -12.63 24.13
N GLY A 27 -18.47 -11.44 23.60
CA GLY A 27 -18.68 -10.25 24.42
C GLY A 27 -17.92 -9.02 23.98
N THR A 28 -18.04 -7.96 24.77
CA THR A 28 -17.35 -6.72 24.50
C THR A 28 -16.26 -6.55 25.55
N TYR A 29 -15.06 -6.22 25.07
CA TYR A 29 -13.86 -6.10 25.91
C TYR A 29 -13.45 -4.64 25.82
N LYS A 30 -13.99 -3.85 26.75
CA LYS A 30 -13.90 -2.40 26.74
C LYS A 30 -12.70 -1.90 27.49
N ASP A 31 -11.94 -1.03 26.82
CA ASP A 31 -10.71 -0.46 27.34
C ASP A 31 -9.65 -1.53 27.53
N VAL A 32 -9.74 -2.62 26.75
CA VAL A 32 -8.83 -3.77 26.89
C VAL A 32 -7.37 -3.38 26.53
N GLN A 33 -6.43 -3.80 27.38
CA GLN A 33 -5.01 -3.51 27.23
C GLN A 33 -4.29 -4.82 27.09
N LEU A 34 -4.31 -5.40 25.89
CA LEU A 34 -3.76 -6.73 25.68
C LEU A 34 -2.29 -6.64 25.32
N ILE A 35 -1.42 -7.08 26.22
CA ILE A 35 0.03 -7.02 26.01
C ILE A 35 0.48 -8.46 26.10
N VAL A 36 0.99 -8.99 25.01
CA VAL A 36 1.41 -10.38 24.96
C VAL A 36 2.93 -10.40 24.88
N SER A 37 3.56 -10.72 26.01
CA SER A 37 5.02 -10.77 26.11
C SER A 37 5.63 -12.16 25.91
N ASN A 38 4.89 -13.20 26.23
CA ASN A 38 5.40 -14.56 26.07
C ASN A 38 5.52 -14.89 24.58
N SER A 39 6.30 -15.91 24.28
CA SER A 39 6.52 -16.31 22.88
C SER A 39 6.10 -17.72 22.65
N GLY A 40 5.62 -17.97 21.46
CA GLY A 40 5.51 -19.33 20.97
C GLY A 40 6.86 -19.74 20.40
N LYS A 41 6.85 -20.82 19.65
CA LYS A 41 8.06 -21.35 18.98
C LYS A 41 7.73 -21.69 17.56
N SER A 42 8.75 -21.78 16.71
CA SER A 42 8.48 -22.21 15.33
C SER A 42 7.71 -23.55 15.33
N GLY A 43 6.58 -23.60 14.62
CA GLY A 43 5.68 -24.76 14.59
C GLY A 43 4.83 -24.96 15.86
N LEU A 44 5.03 -24.10 16.84
CA LEU A 44 4.20 -24.12 18.07
C LEU A 44 3.83 -22.68 18.40
N PRO A 45 3.06 -22.01 17.54
CA PRO A 45 2.67 -20.61 17.81
C PRO A 45 1.69 -20.53 18.99
N ILE A 46 1.52 -19.35 19.57
CA ILE A 46 0.48 -19.15 20.59
C ILE A 46 -0.64 -18.43 19.84
N THR A 47 -1.87 -18.92 19.92
CA THR A 47 -3.00 -18.32 19.21
C THR A 47 -3.92 -17.70 20.22
N ILE A 48 -4.26 -16.42 19.99
CA ILE A 48 -5.26 -15.70 20.81
C ILE A 48 -6.37 -15.33 19.84
N LYS A 49 -7.57 -15.90 20.06
CA LYS A 49 -8.63 -15.71 19.11
C LYS A 49 -9.99 -15.62 19.74
N ALA A 50 -10.96 -15.11 19.01
CA ALA A 50 -12.31 -15.16 19.48
C ALA A 50 -12.74 -16.65 19.42
N LEU A 51 -13.46 -17.12 20.42
CA LEU A 51 -14.07 -18.46 20.34
C LEU A 51 -15.04 -18.52 19.13
N ASN A 52 -15.79 -17.45 18.93
CA ASN A 52 -16.71 -17.28 17.80
C ASN A 52 -16.42 -15.92 17.15
N PRO A 53 -15.58 -15.91 16.13
CA PRO A 53 -15.25 -14.66 15.44
C PRO A 53 -16.50 -14.01 14.91
N GLY A 54 -16.58 -12.68 15.10
CA GLY A 54 -17.80 -11.94 14.87
C GLY A 54 -18.54 -11.64 16.15
N LYS A 55 -18.18 -12.32 17.23
CA LYS A 55 -18.84 -12.06 18.51
C LYS A 55 -17.98 -11.42 19.59
N VAL A 56 -16.73 -11.13 19.22
CA VAL A 56 -15.79 -10.48 20.15
C VAL A 56 -15.44 -9.11 19.67
N PHE A 57 -15.65 -8.12 20.53
CA PHE A 57 -15.40 -6.69 20.22
C PHE A 57 -14.39 -6.13 21.16
N PHE A 58 -13.34 -5.49 20.62
CA PHE A 58 -12.36 -4.75 21.43
C PHE A 58 -12.72 -3.29 21.24
N THR A 59 -13.11 -2.62 22.32
CA THR A 59 -13.66 -1.27 22.20
C THR A 59 -13.04 -0.33 23.23
N GLY A 60 -13.50 0.92 23.21
CA GLY A 60 -13.04 1.87 24.21
C GLY A 60 -11.58 2.25 24.08
N ASP A 61 -10.95 2.52 25.21
CA ASP A 61 -9.57 3.02 25.22
C ASP A 61 -8.65 1.78 25.26
N ALA A 62 -8.46 1.20 24.09
CA ALA A 62 -7.92 -0.13 23.94
C ALA A 62 -6.52 -0.07 23.33
N LYS A 63 -5.77 -1.16 23.47
CA LYS A 63 -4.55 -1.28 22.70
C LYS A 63 -4.11 -2.71 22.73
N VAL A 64 -3.38 -3.14 21.70
CA VAL A 64 -2.80 -4.50 21.70
C VAL A 64 -1.33 -4.37 21.38
N GLU A 65 -0.49 -5.14 22.10
CA GLU A 65 0.93 -5.13 21.79
C GLU A 65 1.37 -6.57 21.65
N LEU A 66 1.90 -6.94 20.48
CA LEU A 66 2.43 -8.31 20.34
C LEU A 66 3.93 -8.21 20.47
N ARG A 67 4.42 -8.48 21.67
CA ARG A 67 5.84 -8.26 22.00
C ARG A 67 6.69 -9.53 21.92
N GLY A 68 6.05 -10.66 22.23
CA GLY A 68 6.60 -12.00 22.02
C GLY A 68 6.68 -12.33 20.54
N GLU A 69 7.24 -13.49 20.24
CA GLU A 69 7.39 -14.00 18.88
C GLU A 69 6.43 -15.17 18.68
N HIS A 70 6.15 -15.50 17.43
CA HIS A 70 5.32 -16.67 17.09
C HIS A 70 3.95 -16.61 17.71
N LEU A 71 3.30 -15.45 17.57
CA LEU A 71 1.97 -15.23 18.09
C LEU A 71 1.01 -15.03 16.93
N ILE A 72 -0.22 -15.47 17.11
CA ILE A 72 -1.30 -15.27 16.14
C ILE A 72 -2.49 -14.61 16.86
N LEU A 73 -2.93 -13.45 16.33
CA LEU A 73 -4.12 -12.81 16.83
C LEU A 73 -5.21 -12.92 15.77
N GLU A 74 -6.35 -13.50 16.13
CA GLU A 74 -7.35 -13.88 15.10
C GLU A 74 -8.78 -13.59 15.56
N GLY A 75 -9.58 -13.06 14.61
CA GLY A 75 -11.04 -13.04 14.70
C GLY A 75 -11.56 -11.96 15.63
N ILE A 76 -10.85 -10.83 15.72
CA ILE A 76 -11.24 -9.73 16.63
C ILE A 76 -11.84 -8.59 15.83
N TRP A 77 -12.92 -7.99 16.35
CA TRP A 77 -13.54 -6.82 15.70
C TRP A 77 -13.27 -5.60 16.61
N PHE A 78 -12.56 -4.63 16.04
CA PHE A 78 -12.21 -3.38 16.76
C PHE A 78 -13.20 -2.29 16.32
N LYS A 79 -13.99 -1.77 17.26
CA LYS A 79 -14.95 -0.69 16.94
C LYS A 79 -15.21 0.11 18.22
N ASP A 80 -15.97 1.21 18.10
CA ASP A 80 -16.40 1.93 19.29
C ASP A 80 -15.25 2.29 20.23
N GLY A 81 -14.16 2.76 19.65
CA GLY A 81 -12.97 3.14 20.40
C GLY A 81 -13.02 4.53 21.00
N ASN A 82 -12.09 4.81 21.90
CA ASN A 82 -12.09 6.07 22.63
C ASN A 82 -10.71 6.27 23.28
N ARG A 83 -9.67 6.06 22.48
CA ARG A 83 -8.32 6.31 22.99
C ARG A 83 -8.13 7.82 23.15
N ALA A 84 -7.22 8.19 24.04
CA ALA A 84 -7.01 9.62 24.40
C ALA A 84 -6.30 10.33 23.26
N ILE A 85 -6.90 11.39 22.75
CA ILE A 85 -6.31 12.03 21.60
C ILE A 85 -4.93 12.63 21.92
N GLN A 86 -4.69 13.04 23.18
CA GLN A 86 -3.39 13.60 23.53
C GLN A 86 -2.31 12.54 23.74
N ALA A 87 -2.67 11.26 23.62
CA ALA A 87 -1.77 10.15 23.98
C ALA A 87 -1.26 9.30 22.82
N TRP A 88 -1.75 9.60 21.61
CA TRP A 88 -1.38 8.83 20.44
C TRP A 88 -0.90 9.75 19.35
N LYS A 89 0.08 9.30 18.58
CA LYS A 89 0.52 10.10 17.41
C LYS A 89 0.72 9.33 16.12
N SER A 90 0.62 10.06 15.01
CA SER A 90 1.06 9.48 13.74
C SER A 90 2.53 9.16 13.92
N HIS A 91 3.00 8.10 13.24
CA HIS A 91 4.42 7.60 13.30
C HIS A 91 4.74 6.93 14.65
N GLY A 92 3.71 6.69 15.45
CA GLY A 92 3.89 5.98 16.72
C GLY A 92 3.38 4.56 16.54
N PRO A 93 3.22 3.81 17.62
CA PRO A 93 2.64 2.44 17.52
C PRO A 93 1.18 2.49 17.01
N GLY A 94 0.80 1.43 16.30
CA GLY A 94 -0.59 1.28 15.90
C GLY A 94 -1.49 0.82 17.07
N LEU A 95 -2.79 0.85 16.82
CA LEU A 95 -3.80 0.30 17.75
C LEU A 95 -3.39 -1.10 18.09
N VAL A 96 -3.04 -1.87 17.04
CA VAL A 96 -2.27 -3.10 17.23
C VAL A 96 -0.83 -2.78 16.86
N ALA A 97 0.09 -2.95 17.80
CA ALA A 97 1.51 -2.74 17.54
C ALA A 97 2.29 -4.06 17.66
N ILE A 98 2.97 -4.44 16.60
CA ILE A 98 3.69 -5.73 16.61
C ILE A 98 5.16 -5.42 16.81
N TYR A 99 5.71 -5.82 17.96
CA TYR A 99 7.09 -5.56 18.28
C TYR A 99 7.96 -6.81 18.11
N GLY A 100 7.39 -8.01 18.16
CA GLY A 100 8.17 -9.21 17.91
C GLY A 100 8.11 -9.76 16.50
N SER A 101 9.03 -10.65 16.15
CA SER A 101 9.07 -11.26 14.82
C SER A 101 8.14 -12.48 14.75
N TYR A 102 7.90 -12.97 13.52
CA TYR A 102 7.12 -14.18 13.29
C TYR A 102 5.69 -14.10 13.90
N ASN A 103 5.09 -12.90 13.85
CA ASN A 103 3.73 -12.70 14.35
C ASN A 103 2.73 -12.50 13.22
N ARG A 104 1.49 -12.89 13.45
CA ARG A 104 0.46 -12.85 12.40
C ARG A 104 -0.82 -12.25 12.98
N ILE A 105 -1.43 -11.29 12.26
CA ILE A 105 -2.76 -10.80 12.63
C ILE A 105 -3.66 -11.18 11.46
N THR A 106 -4.71 -11.96 11.73
CA THR A 106 -5.53 -12.49 10.68
C THR A 106 -7.02 -12.42 10.97
N ALA A 107 -7.84 -12.16 9.93
CA ALA A 107 -9.29 -12.25 10.06
C ALA A 107 -9.79 -11.35 11.17
N CYS A 108 -9.23 -10.13 11.22
CA CYS A 108 -9.69 -9.08 12.12
C CYS A 108 -10.31 -7.90 11.34
N VAL A 109 -11.23 -7.21 12.01
CA VAL A 109 -11.97 -6.07 11.44
C VAL A 109 -11.63 -4.79 12.25
N PHE A 110 -11.28 -3.73 11.53
CA PHE A 110 -11.00 -2.41 12.10
C PHE A 110 -11.95 -1.46 11.39
N ASP A 111 -12.89 -0.83 12.12
CA ASP A 111 -13.92 -0.10 11.43
C ASP A 111 -14.17 1.21 12.20
N CYS A 112 -13.72 2.32 11.60
CA CYS A 112 -13.88 3.65 12.17
C CYS A 112 -13.58 3.68 13.68
N PHE A 113 -12.37 3.21 14.04
CA PHE A 113 -12.18 2.84 15.44
C PHE A 113 -12.36 4.00 16.41
N ASP A 114 -11.64 5.11 16.20
CA ASP A 114 -11.76 6.24 17.15
C ASP A 114 -11.20 7.50 16.53
N GLU A 115 -10.88 8.48 17.37
CA GLU A 115 -10.46 9.79 16.89
C GLU A 115 -8.97 10.02 17.17
N ALA A 116 -8.28 9.00 17.69
CA ALA A 116 -6.85 9.12 18.08
C ALA A 116 -5.94 8.81 16.88
N ASN A 117 -4.99 9.72 16.58
CA ASN A 117 -4.11 9.56 15.40
C ASN A 117 -3.09 8.45 15.60
N SER A 118 -3.08 7.48 14.68
CA SER A 118 -2.15 6.36 14.72
C SER A 118 -2.57 5.45 13.57
N ALA A 119 -1.71 4.52 13.19
CA ALA A 119 -2.14 3.46 12.27
C ALA A 119 -3.07 2.52 12.97
N TYR A 120 -3.76 1.68 12.22
CA TYR A 120 -4.51 0.61 12.82
C TYR A 120 -3.56 -0.57 13.21
N ILE A 121 -2.55 -0.86 12.37
CA ILE A 121 -1.55 -1.88 12.72
C ILE A 121 -0.19 -1.34 12.37
N THR A 122 0.76 -1.56 13.28
CA THR A 122 2.17 -1.32 12.89
C THR A 122 3.02 -2.53 13.17
N THR A 123 4.13 -2.65 12.45
CA THR A 123 5.28 -3.32 13.07
C THR A 123 6.16 -2.20 13.60
N SER A 124 6.60 -2.34 14.86
CA SER A 124 7.28 -1.25 15.57
C SER A 124 8.57 -1.69 16.21
N LEU A 125 9.55 -0.78 16.20
CA LEU A 125 10.85 -1.11 16.80
C LEU A 125 10.69 -1.03 18.30
N THR A 126 11.40 -1.89 19.02
CA THR A 126 11.43 -1.75 20.48
C THR A 126 12.36 -0.60 20.85
N GLU A 127 12.32 -0.21 22.11
CA GLU A 127 13.25 0.87 22.56
C GLU A 127 14.72 0.59 22.33
N ASP A 128 15.11 -0.68 22.31
CA ASP A 128 16.53 -1.01 22.07
C ASP A 128 16.85 -1.14 20.56
N GLY A 129 15.85 -0.83 19.72
CA GLY A 129 16.08 -0.71 18.28
C GLY A 129 15.87 -1.99 17.49
N LYS A 130 15.37 -3.03 18.15
CA LYS A 130 15.22 -4.30 17.44
C LYS A 130 14.03 -4.17 16.47
N VAL A 131 14.25 -4.72 15.29
CA VAL A 131 13.28 -4.63 14.18
C VAL A 131 12.48 -5.94 13.99
N PRO A 132 11.16 -5.89 14.10
CA PRO A 132 10.37 -7.11 13.81
C PRO A 132 10.52 -7.59 12.37
N GLN A 133 10.60 -8.90 12.15
CA GLN A 133 10.75 -9.41 10.80
C GLN A 133 9.77 -10.57 10.64
N HIS A 134 9.47 -10.92 9.37
CA HIS A 134 8.71 -12.12 9.05
C HIS A 134 7.28 -12.13 9.67
N CYS A 135 6.63 -10.95 9.72
CA CYS A 135 5.26 -10.89 10.20
C CYS A 135 4.26 -10.92 9.06
N ARG A 136 3.02 -11.34 9.35
CA ARG A 136 1.97 -11.32 8.33
C ARG A 136 0.71 -10.64 8.81
N ILE A 137 0.08 -9.84 7.93
CA ILE A 137 -1.21 -9.20 8.20
C ILE A 137 -2.11 -9.67 7.05
N ASP A 138 -3.16 -10.40 7.34
CA ASP A 138 -3.91 -11.01 6.23
C ASP A 138 -5.37 -11.17 6.56
N HIS A 139 -6.21 -11.09 5.51
CA HIS A 139 -7.67 -11.35 5.69
C HIS A 139 -8.22 -10.40 6.73
N CYS A 140 -7.69 -9.19 6.73
CA CYS A 140 -8.24 -8.14 7.64
C CYS A 140 -8.95 -7.06 6.85
N SER A 141 -9.90 -6.40 7.47
CA SER A 141 -10.68 -5.36 6.80
C SER A 141 -10.42 -4.05 7.54
N PHE A 142 -10.11 -2.97 6.79
CA PHE A 142 -9.78 -1.67 7.35
C PHE A 142 -10.66 -0.61 6.72
N THR A 143 -11.69 -0.15 7.47
CA THR A 143 -12.67 0.74 6.84
C THR A 143 -12.94 1.98 7.67
N ASP A 144 -13.29 3.04 6.93
CA ASP A 144 -13.74 4.33 7.52
C ASP A 144 -12.75 4.92 8.54
N LYS A 145 -11.47 4.82 8.23
CA LYS A 145 -10.47 5.38 9.13
C LYS A 145 -10.55 6.92 9.05
N ILE A 146 -10.78 7.55 10.21
CA ILE A 146 -10.99 8.99 10.24
C ILE A 146 -9.87 9.73 10.94
N THR A 147 -8.72 9.08 11.09
CA THR A 147 -7.61 9.67 11.82
C THR A 147 -6.40 9.73 10.94
N PHE A 148 -5.47 10.60 11.33
CA PHE A 148 -4.19 10.69 10.60
C PHE A 148 -3.30 9.45 10.76
N ASP A 149 -2.31 9.38 9.85
CA ASP A 149 -1.35 8.27 9.68
C ASP A 149 -1.95 7.23 8.72
N GLN A 150 -1.05 6.39 8.21
CA GLN A 150 -1.46 5.21 7.42
C GLN A 150 -2.37 4.25 8.16
N VAL A 151 -3.07 3.41 7.38
CA VAL A 151 -3.72 2.26 7.97
C VAL A 151 -2.72 1.26 8.60
N ILE A 152 -1.67 0.97 7.84
CA ILE A 152 -0.59 0.08 8.30
C ILE A 152 0.76 0.76 8.06
N ASN A 153 1.62 0.79 9.09
CA ASN A 153 3.04 1.15 8.82
C ASN A 153 3.85 -0.09 9.14
N LEU A 154 4.80 -0.42 8.27
CA LEU A 154 5.76 -1.49 8.52
C LEU A 154 7.13 -0.80 8.66
N ASN A 155 7.67 -0.82 9.88
CA ASN A 155 8.85 0.01 10.22
C ASN A 155 10.11 -0.78 10.40
N ASN A 156 11.19 -0.28 9.79
CA ASN A 156 12.52 -0.83 10.08
C ASN A 156 13.55 0.21 10.55
N THR A 157 13.09 1.44 10.74
CA THR A 157 13.92 2.46 11.41
C THR A 157 12.99 3.34 12.23
N ALA A 158 13.60 4.03 13.20
CA ALA A 158 12.92 5.12 13.89
C ALA A 158 12.90 6.33 12.96
N ARG A 159 11.82 7.08 13.08
CA ARG A 159 11.68 8.28 12.29
C ARG A 159 12.79 9.27 12.70
N ALA A 160 13.39 9.90 11.71
CA ALA A 160 14.45 10.86 11.96
C ALA A 160 14.49 11.76 10.74
N ILE A 161 15.13 12.91 10.88
CA ILE A 161 15.33 13.78 9.72
C ILE A 161 16.37 13.15 8.76
N LYS A 162 17.11 12.17 9.31
CA LYS A 162 17.92 11.17 8.59
C LYS A 162 18.98 11.63 7.57
N ASP A 163 19.33 10.71 6.66
CA ASP A 163 20.24 10.94 5.50
C ASP A 163 21.64 10.34 5.66
N GLY A 164 21.79 9.38 6.58
CA GLY A 164 23.04 8.68 6.78
C GLY A 164 23.03 7.30 6.16
N SER A 165 23.95 7.08 5.20
CA SER A 165 23.98 5.89 4.30
C SER A 165 23.46 4.51 4.82
N VAL A 166 23.39 4.33 6.14
CA VAL A 166 22.94 3.06 6.78
C VAL A 166 21.41 2.90 7.00
N GLY A 167 20.82 2.07 6.18
CA GLY A 167 19.37 1.92 6.17
C GLY A 167 18.88 0.83 7.10
N GLY A 168 17.56 0.74 7.24
CA GLY A 168 16.95 -0.32 8.04
C GLY A 168 17.11 -1.68 7.38
N PRO A 169 17.11 -2.73 8.19
CA PRO A 169 17.28 -4.09 7.67
C PRO A 169 16.04 -4.66 6.97
N ALA A 170 16.21 -5.65 6.09
CA ALA A 170 15.08 -6.31 5.45
C ALA A 170 14.02 -6.80 6.47
N MET A 171 12.74 -6.60 6.14
CA MET A 171 11.66 -7.00 7.06
C MET A 171 11.01 -8.34 6.75
N TYR A 172 10.87 -8.67 5.47
CA TYR A 172 10.25 -9.95 5.03
C TYR A 172 8.83 -10.16 5.56
N HIS A 173 8.04 -9.09 5.61
CA HIS A 173 6.63 -9.24 6.01
C HIS A 173 5.76 -9.59 4.81
N ARG A 174 4.52 -9.99 5.08
CA ARG A 174 3.52 -10.14 4.02
C ARG A 174 2.23 -9.44 4.44
N VAL A 175 1.67 -8.65 3.53
CA VAL A 175 0.32 -8.11 3.74
C VAL A 175 -0.49 -8.66 2.58
N ASP A 176 -1.48 -9.50 2.89
CA ASP A 176 -2.27 -10.12 1.82
C ASP A 176 -3.75 -10.25 2.20
N HIS A 177 -4.61 -10.25 1.17
CA HIS A 177 -6.04 -10.53 1.34
C HIS A 177 -6.62 -9.55 2.32
N CYS A 178 -6.13 -8.29 2.29
CA CYS A 178 -6.78 -7.30 3.15
C CYS A 178 -7.63 -6.38 2.29
N PHE A 179 -8.61 -5.74 2.95
CA PHE A 179 -9.56 -4.83 2.30
C PHE A 179 -9.36 -3.41 2.87
N PHE A 180 -9.22 -2.42 2.00
CA PHE A 180 -9.00 -1.03 2.47
C PHE A 180 -9.98 -0.12 1.82
N SER A 181 -10.73 0.63 2.61
CA SER A 181 -11.62 1.65 2.00
C SER A 181 -11.81 2.72 3.04
N ASN A 182 -11.28 3.89 2.76
CA ASN A 182 -11.14 4.95 3.78
C ASN A 182 -11.23 6.32 3.19
N PRO A 183 -11.85 7.27 3.89
CA PRO A 183 -12.20 8.58 3.29
C PRO A 183 -11.02 9.56 3.14
N GLN A 184 -11.15 10.51 2.24
CA GLN A 184 -10.09 11.49 2.04
C GLN A 184 -9.88 12.45 3.20
N LYS A 185 -8.65 12.50 3.70
CA LYS A 185 -8.23 13.50 4.66
C LYS A 185 -7.54 14.66 3.97
N PRO A 186 -7.36 15.77 4.67
CA PRO A 186 -6.64 16.89 4.07
C PRO A 186 -5.13 16.70 4.12
N GLY A 187 -4.48 17.08 3.01
CA GLY A 187 -3.04 17.21 3.01
C GLY A 187 -2.29 15.89 2.97
N ASN A 188 -1.10 15.89 3.54
CA ASN A 188 -0.24 14.71 3.60
C ASN A 188 -0.60 13.89 4.87
N ALA A 189 -1.77 13.25 4.78
CA ALA A 189 -2.51 12.78 5.96
C ALA A 189 -2.24 11.34 6.38
N GLY A 190 -1.46 10.61 5.56
CA GLY A 190 -1.25 9.19 5.83
C GLY A 190 -2.21 8.35 5.02
N GLY A 191 -1.66 7.34 4.31
CA GLY A 191 -2.43 6.59 3.31
C GLY A 191 -2.86 5.21 3.74
N GLY A 192 -2.71 4.25 2.84
CA GLY A 192 -3.04 2.86 3.10
C GLY A 192 -1.88 2.16 3.83
N ILE A 193 -0.76 1.96 3.13
CA ILE A 193 0.37 1.25 3.74
C ILE A 193 1.65 2.05 3.50
N ARG A 194 2.43 2.19 4.55
CA ARG A 194 3.81 2.68 4.40
C ARG A 194 4.78 1.55 4.75
N ILE A 195 5.83 1.39 3.96
CA ILE A 195 6.84 0.35 4.22
C ILE A 195 8.23 1.02 4.21
N GLY A 196 8.86 1.13 5.39
CA GLY A 196 10.16 1.85 5.48
C GLY A 196 10.00 3.36 5.52
N TYR A 197 11.14 4.05 5.52
CA TYR A 197 11.16 5.52 5.50
C TYR A 197 11.98 6.20 4.38
N TYR A 198 13.14 5.62 4.06
CA TYR A 198 14.09 6.26 3.16
C TYR A 198 14.84 5.27 2.27
N ARG A 199 15.57 5.81 1.28
CA ARG A 199 15.96 4.93 0.18
C ARG A 199 17.01 3.92 0.54
N ASN A 200 17.74 4.12 1.65
CA ASN A 200 18.70 3.05 2.06
C ASN A 200 18.05 1.91 2.80
N ASP A 201 16.79 2.04 3.22
CA ASP A 201 16.09 0.93 3.88
C ASP A 201 15.80 -0.24 2.95
N ILE A 202 15.97 -1.47 3.43
CA ILE A 202 15.62 -2.65 2.65
C ILE A 202 14.27 -3.17 3.15
N GLY A 203 13.36 -3.46 2.22
CA GLY A 203 12.03 -3.89 2.64
C GLY A 203 11.88 -5.38 2.51
N ARG A 204 11.94 -5.88 1.26
CA ARG A 204 11.70 -7.29 0.93
C ARG A 204 10.39 -7.80 1.55
N CYS A 205 9.39 -6.92 1.53
CA CYS A 205 8.05 -7.32 1.94
C CYS A 205 7.27 -7.72 0.69
N LEU A 206 6.32 -8.63 0.89
CA LEU A 206 5.39 -9.03 -0.18
C LEU A 206 3.99 -8.48 0.15
N VAL A 207 3.40 -7.72 -0.79
CA VAL A 207 2.06 -7.13 -0.59
C VAL A 207 1.31 -7.70 -1.80
N ASP A 208 0.46 -8.72 -1.54
CA ASP A 208 -0.24 -9.38 -2.65
C ASP A 208 -1.73 -9.63 -2.36
N SER A 209 -2.54 -9.59 -3.41
CA SER A 209 -3.95 -10.05 -3.30
C SER A 209 -4.71 -9.22 -2.30
N ASN A 210 -4.42 -7.92 -2.25
CA ASN A 210 -5.28 -7.00 -1.47
C ASN A 210 -6.26 -6.26 -2.38
N LEU A 211 -7.38 -5.82 -1.79
CA LEU A 211 -8.39 -5.03 -2.48
C LEU A 211 -8.49 -3.65 -1.82
N PHE A 212 -8.08 -2.66 -2.59
CA PHE A 212 -8.13 -1.26 -2.16
C PHE A 212 -9.33 -0.70 -2.96
N MET A 213 -10.41 -0.33 -2.27
CA MET A 213 -11.65 0.09 -2.95
C MET A 213 -11.99 1.43 -2.35
N ARG A 214 -11.89 2.48 -3.15
CA ARG A 214 -11.97 3.86 -2.58
C ARG A 214 -11.08 3.99 -1.34
N GLN A 215 -9.85 3.51 -1.50
CA GLN A 215 -8.76 3.85 -0.58
C GLN A 215 -8.35 5.26 -0.98
N ASP A 216 -8.91 6.22 -0.24
CA ASP A 216 -8.84 7.66 -0.61
C ASP A 216 -8.17 8.54 0.41
N SER A 217 -7.62 7.92 1.46
CA SER A 217 -7.06 8.70 2.60
C SER A 217 -6.24 9.96 2.24
N GLU A 218 -5.32 9.81 1.29
CA GLU A 218 -4.43 10.91 0.86
C GLU A 218 -3.89 10.56 -0.53
N ALA A 219 -2.89 11.31 -1.02
CA ALA A 219 -2.39 11.06 -2.39
C ALA A 219 -1.84 9.67 -2.62
N GLU A 220 -1.29 9.06 -1.57
CA GLU A 220 -0.57 7.78 -1.75
C GLU A 220 -1.41 6.66 -1.21
N ILE A 221 -1.77 5.74 -2.09
CA ILE A 221 -2.49 4.55 -1.63
C ILE A 221 -1.50 3.70 -0.81
N ILE A 222 -0.32 3.53 -1.38
CA ILE A 222 0.77 2.88 -0.65
C ILE A 222 1.97 3.80 -0.87
N THR A 223 2.67 4.10 0.22
CA THR A 223 3.92 4.82 0.06
C THR A 223 5.06 3.84 0.37
N SER A 224 5.59 3.26 -0.69
CA SER A 224 6.61 2.23 -0.53
C SER A 224 7.97 2.97 -0.46
N LYS A 225 8.56 2.93 0.74
CA LYS A 225 9.77 3.71 1.09
C LYS A 225 10.91 2.76 1.53
N SER A 226 11.09 1.67 0.78
CA SER A 226 12.25 0.79 0.99
C SER A 226 12.47 -0.04 -0.24
N GLN A 227 13.67 -0.59 -0.37
CA GLN A 227 14.04 -1.36 -1.55
C GLN A 227 13.39 -2.74 -1.57
N GLU A 228 13.20 -3.26 -2.79
CA GLU A 228 12.94 -4.67 -3.00
C GLU A 228 11.65 -5.16 -2.36
N ASN A 229 10.61 -4.32 -2.32
CA ASN A 229 9.27 -4.77 -2.00
C ASN A 229 8.60 -5.24 -3.27
N VAL A 230 7.75 -6.24 -3.16
CA VAL A 230 7.10 -6.81 -4.35
C VAL A 230 5.59 -6.65 -4.11
N TYR A 231 4.95 -6.02 -5.08
CA TYR A 231 3.49 -5.79 -5.11
C TYR A 231 2.92 -6.63 -6.22
N TYR A 232 2.20 -7.70 -5.87
CA TYR A 232 1.75 -8.67 -6.86
C TYR A 232 0.26 -8.94 -6.72
N GLY A 233 -0.49 -8.75 -7.82
CA GLY A 233 -1.87 -9.16 -7.83
C GLY A 233 -2.79 -8.43 -6.87
N ASN A 234 -2.53 -7.14 -6.64
CA ASN A 234 -3.44 -6.31 -5.86
C ASN A 234 -4.40 -5.60 -6.80
N THR A 235 -5.61 -5.36 -6.31
CA THR A 235 -6.65 -4.58 -7.02
C THR A 235 -6.90 -3.24 -6.40
N TYR A 236 -6.83 -2.18 -7.22
CA TYR A 236 -7.03 -0.80 -6.76
C TYR A 236 -8.22 -0.25 -7.53
N LEU A 237 -9.39 -0.22 -6.88
CA LEU A 237 -10.66 0.07 -7.55
C LEU A 237 -11.13 1.43 -7.08
N ASN A 238 -11.27 2.36 -8.04
CA ASN A 238 -11.76 3.72 -7.75
C ASN A 238 -11.01 4.35 -6.54
N CYS A 239 -9.67 4.31 -6.59
CA CYS A 239 -8.91 4.91 -5.48
C CYS A 239 -8.44 6.31 -5.86
N GLN A 240 -8.73 7.29 -5.02
CA GLN A 240 -8.19 8.66 -5.22
C GLN A 240 -6.73 8.78 -4.76
N GLY A 241 -5.83 8.15 -5.49
CA GLY A 241 -4.43 8.17 -5.09
C GLY A 241 -3.66 7.32 -6.07
N THR A 242 -2.36 7.18 -5.85
CA THR A 242 -1.53 6.31 -6.67
C THR A 242 -0.74 5.37 -5.75
N MET A 243 -0.34 4.24 -6.31
CA MET A 243 0.49 3.28 -5.59
C MET A 243 1.87 3.72 -5.95
N ASN A 244 2.71 3.95 -4.93
CA ASN A 244 3.97 4.65 -5.17
C ASN A 244 5.23 3.89 -4.75
N PHE A 245 6.24 3.94 -5.64
CA PHE A 245 7.63 3.64 -5.27
C PHE A 245 8.19 4.98 -4.89
N ARG A 246 8.05 5.33 -3.61
CA ARG A 246 8.35 6.71 -3.17
C ARG A 246 9.83 6.87 -2.82
N HIS A 247 10.38 5.91 -2.05
CA HIS A 247 11.85 5.90 -1.82
C HIS A 247 12.34 4.47 -1.95
N GLY A 248 13.58 4.29 -2.43
CA GLY A 248 14.12 2.95 -2.48
C GLY A 248 14.08 2.45 -3.91
N ASP A 249 15.24 2.10 -4.43
CA ASP A 249 15.35 1.51 -5.76
C ASP A 249 15.01 0.02 -5.77
N HIS A 250 14.92 -0.51 -6.99
CA HIS A 250 14.73 -1.94 -7.22
C HIS A 250 13.47 -2.47 -6.54
N GLN A 251 12.32 -1.83 -6.82
CA GLN A 251 11.05 -2.38 -6.33
C GLN A 251 10.27 -3.03 -7.47
N VAL A 252 9.26 -3.85 -7.15
CA VAL A 252 8.65 -4.69 -8.17
C VAL A 252 7.13 -4.53 -8.10
N ALA A 253 6.46 -4.26 -9.22
CA ALA A 253 4.99 -4.35 -9.22
C ALA A 253 4.59 -5.19 -10.41
N ILE A 254 3.94 -6.33 -10.15
CA ILE A 254 3.54 -7.22 -11.24
C ILE A 254 2.08 -7.62 -11.14
N ASN A 255 1.37 -7.54 -12.27
CA ASN A 255 0.00 -8.02 -12.36
C ASN A 255 -0.97 -7.44 -11.30
N ASN A 256 -0.84 -6.13 -11.05
CA ASN A 256 -1.85 -5.43 -10.30
C ASN A 256 -2.84 -4.81 -11.27
N PHE A 257 -4.07 -4.60 -10.80
CA PHE A 257 -5.18 -3.96 -11.53
C PHE A 257 -5.50 -2.60 -10.98
N TYR A 258 -5.49 -1.60 -11.85
CA TYR A 258 -5.79 -0.22 -11.45
C TYR A 258 -6.99 0.17 -12.29
N ILE A 259 -8.16 0.21 -11.64
CA ILE A 259 -9.45 0.34 -12.33
C ILE A 259 -10.14 1.57 -11.79
N GLY A 260 -10.65 2.41 -12.68
CA GLY A 260 -11.50 3.53 -12.31
C GLY A 260 -12.74 3.38 -13.19
N ASN A 261 -13.94 3.24 -12.60
CA ASN A 261 -15.08 2.90 -13.47
C ASN A 261 -16.26 3.83 -13.33
N ASP A 262 -16.00 5.01 -12.81
CA ASP A 262 -17.04 6.05 -12.88
C ASP A 262 -16.35 7.41 -13.02
N GLN A 263 -17.14 8.49 -13.04
CA GLN A 263 -16.58 9.84 -13.19
C GLN A 263 -16.63 10.65 -11.89
N ARG A 264 -16.73 10.00 -10.74
CA ARG A 264 -16.92 10.76 -9.51
C ARG A 264 -15.68 11.53 -9.07
N PHE A 265 -14.52 10.91 -9.28
CA PHE A 265 -13.24 11.49 -8.87
C PHE A 265 -12.17 11.05 -9.84
N GLY A 266 -11.00 11.69 -9.76
CA GLY A 266 -9.84 11.20 -10.46
C GLY A 266 -9.24 10.02 -9.65
N TYR A 267 -8.81 9.00 -10.40
CA TYR A 267 -8.29 7.75 -9.83
C TYR A 267 -6.89 7.45 -10.31
N GLY A 268 -6.18 6.57 -9.61
CA GLY A 268 -4.84 6.16 -10.04
C GLY A 268 -4.66 4.63 -9.90
N GLY A 269 -3.56 4.07 -10.41
CA GLY A 269 -2.44 4.80 -10.95
C GLY A 269 -1.20 4.49 -10.11
N MET A 270 -0.02 4.73 -10.71
CA MET A 270 1.28 4.56 -10.02
C MET A 270 2.11 5.81 -10.17
N PHE A 271 2.78 6.21 -9.10
CA PHE A 271 3.79 7.29 -9.22
C PHE A 271 5.10 6.72 -8.74
N VAL A 272 6.13 6.85 -9.61
CA VAL A 272 7.38 6.10 -9.45
C VAL A 272 8.61 7.03 -9.32
N TRP A 273 9.31 6.92 -8.19
CA TRP A 273 10.58 7.57 -8.01
C TRP A 273 11.66 6.52 -8.04
N GLY A 274 12.88 6.89 -8.42
CA GLY A 274 13.94 5.92 -8.30
C GLY A 274 14.17 5.00 -9.49
N SER A 275 15.17 4.13 -9.35
CA SER A 275 15.62 3.32 -10.49
C SER A 275 15.62 1.82 -10.25
N ARG A 276 15.89 1.07 -11.33
CA ARG A 276 16.08 -0.41 -11.28
C ARG A 276 14.80 -1.18 -10.98
N HIS A 277 13.66 -0.53 -11.18
CA HIS A 277 12.38 -1.20 -10.83
C HIS A 277 11.97 -2.17 -11.93
N VAL A 278 11.02 -3.02 -11.57
CA VAL A 278 10.38 -3.92 -12.52
C VAL A 278 8.88 -3.65 -12.42
N ILE A 279 8.31 -3.10 -13.48
CA ILE A 279 6.88 -2.74 -13.49
C ILE A 279 6.27 -3.48 -14.68
N ALA A 280 5.61 -4.61 -14.41
CA ALA A 280 5.25 -5.55 -15.49
C ALA A 280 3.85 -6.15 -15.30
N CYS A 281 3.19 -6.40 -16.42
CA CYS A 281 1.89 -7.10 -16.43
C CYS A 281 0.79 -6.43 -15.57
N ASN A 282 0.93 -5.12 -15.36
CA ASN A 282 -0.11 -4.37 -14.69
C ASN A 282 -1.12 -3.91 -15.70
N TYR A 283 -2.37 -3.85 -15.24
CA TYR A 283 -3.54 -3.48 -16.07
C TYR A 283 -4.10 -2.15 -15.56
N PHE A 284 -4.16 -1.15 -16.44
CA PHE A 284 -4.66 0.20 -16.08
C PHE A 284 -5.82 0.53 -16.97
N GLU A 285 -6.99 0.74 -16.35
CA GLU A 285 -8.21 1.17 -17.06
C GLU A 285 -8.87 2.19 -16.17
N LEU A 286 -8.57 3.46 -16.43
CA LEU A 286 -8.98 4.52 -15.53
C LEU A 286 -9.93 5.50 -16.23
N SER A 287 -11.18 5.49 -15.81
CA SER A 287 -12.21 6.38 -16.44
C SER A 287 -11.99 7.89 -16.17
N GLU A 288 -11.23 8.17 -15.11
CA GLU A 288 -10.88 9.55 -14.77
C GLU A 288 -9.50 9.45 -14.08
N THR A 289 -8.63 10.39 -14.39
CA THR A 289 -7.31 10.39 -13.74
C THR A 289 -7.15 11.66 -12.87
N ILE A 290 -6.03 11.75 -12.16
CA ILE A 290 -5.89 12.74 -11.12
C ILE A 290 -5.28 14.03 -11.63
N LYS A 291 -6.09 15.09 -11.68
CA LYS A 291 -5.62 16.39 -12.13
C LYS A 291 -4.34 16.91 -11.48
N SER A 292 -4.27 16.86 -10.15
CA SER A 292 -3.13 17.44 -9.42
C SER A 292 -1.79 16.75 -9.72
N ARG A 293 -1.84 15.50 -10.17
CA ARG A 293 -0.60 14.79 -10.44
C ARG A 293 -0.18 14.91 -11.90
N GLY A 294 -1.13 15.29 -12.76
CA GLY A 294 -0.87 15.40 -14.20
C GLY A 294 -1.76 14.57 -15.11
N ASN A 295 -2.79 13.93 -14.57
CA ASN A 295 -3.77 13.13 -15.39
C ASN A 295 -3.15 11.97 -16.17
N ALA A 296 -2.65 10.97 -15.46
CA ALA A 296 -2.02 9.81 -16.11
C ALA A 296 -2.26 8.52 -15.37
N ALA A 297 -2.01 7.41 -16.03
CA ALA A 297 -1.98 6.11 -15.35
C ALA A 297 -0.66 5.86 -14.61
N LEU A 298 0.45 6.02 -15.32
CA LEU A 298 1.79 5.78 -14.79
C LEU A 298 2.57 7.09 -14.87
N TYR A 299 3.03 7.54 -13.70
CA TYR A 299 3.80 8.80 -13.56
C TYR A 299 5.25 8.49 -13.25
N LEU A 300 6.19 9.00 -14.07
CA LEU A 300 7.59 8.71 -13.85
C LEU A 300 8.28 9.98 -13.38
N ASN A 301 8.77 9.95 -12.14
CA ASN A 301 9.27 11.16 -11.54
C ASN A 301 10.52 11.81 -12.17
N PRO A 302 10.48 13.12 -12.44
CA PRO A 302 11.72 13.84 -12.82
C PRO A 302 12.39 14.43 -11.59
N GLY A 303 13.69 14.70 -11.66
CA GLY A 303 14.34 15.27 -10.46
C GLY A 303 15.79 14.83 -10.44
N ALA A 304 16.36 14.83 -9.24
CA ALA A 304 17.78 14.53 -9.09
C ALA A 304 17.97 13.08 -8.68
N MET A 305 19.01 12.48 -9.25
CA MET A 305 19.27 11.05 -9.05
C MET A 305 19.48 10.79 -7.56
N ALA A 306 18.87 9.72 -7.08
CA ALA A 306 19.04 9.23 -5.73
C ALA A 306 18.80 10.29 -4.63
N SER A 307 17.99 11.31 -4.92
CA SER A 307 17.70 12.36 -3.94
C SER A 307 16.40 12.05 -3.16
N GLU A 308 15.91 13.04 -2.40
CA GLU A 308 14.66 12.97 -1.67
C GLU A 308 13.49 12.86 -2.64
N HIS A 309 13.67 13.35 -3.85
CA HIS A 309 12.71 13.12 -4.94
C HIS A 309 13.45 12.48 -6.10
N ALA A 310 13.73 11.19 -5.91
CA ALA A 310 14.71 10.54 -6.78
C ALA A 310 14.18 10.40 -8.19
N LEU A 311 15.02 10.79 -9.15
CA LEU A 311 14.74 10.58 -10.58
C LEU A 311 14.32 9.13 -10.89
N ALA A 312 13.24 9.00 -11.67
CA ALA A 312 12.89 7.69 -12.20
C ALA A 312 13.70 7.45 -13.47
N PHE A 313 14.56 6.42 -13.48
CA PHE A 313 15.30 6.09 -14.69
C PHE A 313 15.78 4.63 -14.59
N ASP A 314 16.34 4.11 -15.68
CA ASP A 314 16.92 2.76 -15.69
C ASP A 314 16.01 1.69 -15.05
N MET A 315 14.87 1.46 -15.68
CA MET A 315 13.96 0.42 -15.21
C MET A 315 13.23 -0.26 -16.34
N LEU A 316 12.60 -1.38 -16.02
CA LEU A 316 11.84 -2.19 -16.97
C LEU A 316 10.37 -1.97 -16.81
N ILE A 317 9.71 -1.58 -17.90
CA ILE A 317 8.24 -1.37 -17.93
C ILE A 317 7.78 -2.30 -19.01
N ALA A 318 7.26 -3.47 -18.60
CA ALA A 318 7.04 -4.55 -19.58
C ALA A 318 5.67 -5.19 -19.48
N ASN A 319 5.08 -5.47 -20.64
CA ASN A 319 3.88 -6.33 -20.71
C ASN A 319 2.66 -5.75 -19.96
N ASN A 320 2.67 -4.42 -19.75
CA ASN A 320 1.52 -3.74 -19.08
C ASN A 320 0.48 -3.43 -20.14
N ALA A 321 -0.77 -3.21 -19.71
CA ALA A 321 -1.79 -2.83 -20.63
C ALA A 321 -2.44 -1.56 -20.13
N PHE A 322 -2.60 -0.59 -21.03
CA PHE A 322 -3.24 0.68 -20.71
C PHE A 322 -4.45 0.71 -21.63
N ILE A 323 -5.61 0.49 -21.05
CA ILE A 323 -6.86 0.31 -21.76
C ILE A 323 -7.85 1.44 -21.42
N ASN A 324 -8.17 2.28 -22.40
CA ASN A 324 -9.14 3.37 -22.17
C ASN A 324 -8.85 4.22 -20.91
N VAL A 325 -7.56 4.59 -20.78
CA VAL A 325 -7.19 5.54 -19.72
C VAL A 325 -7.64 6.92 -20.14
N ASN A 326 -8.41 7.59 -19.28
CA ASN A 326 -8.79 8.96 -19.52
C ASN A 326 -7.71 9.89 -18.97
N GLY A 327 -6.61 9.92 -19.69
CA GLY A 327 -5.40 10.59 -19.23
C GLY A 327 -4.28 10.02 -20.08
N TYR A 328 -3.04 10.50 -19.88
CA TYR A 328 -1.90 9.88 -20.54
C TYR A 328 -1.74 8.47 -19.96
N ALA A 329 -1.35 7.51 -20.79
CA ALA A 329 -0.93 6.20 -20.33
C ALA A 329 0.33 6.42 -19.46
N ILE A 330 1.29 7.16 -19.99
CA ILE A 330 2.56 7.40 -19.27
C ILE A 330 2.91 8.88 -19.33
N HIS A 331 3.15 9.47 -18.16
CA HIS A 331 3.61 10.87 -18.10
C HIS A 331 5.05 10.82 -17.65
N PHE A 332 5.91 11.32 -18.54
CA PHE A 332 7.35 11.25 -18.34
C PHE A 332 7.97 12.45 -17.59
N ASN A 333 7.15 13.37 -17.12
CA ASN A 333 7.69 14.50 -16.37
C ASN A 333 6.74 15.22 -15.44
N PRO A 334 5.97 14.46 -14.66
CA PRO A 334 4.98 15.12 -13.77
C PRO A 334 5.65 15.98 -12.71
N LEU A 335 4.95 17.05 -12.31
CA LEU A 335 5.38 17.98 -11.27
C LEU A 335 6.78 18.54 -11.52
N ASP A 336 7.12 18.75 -12.81
CA ASP A 336 8.50 19.15 -13.10
C ASP A 336 8.87 20.53 -12.55
N GLU A 337 7.92 21.47 -12.54
CA GLU A 337 8.22 22.80 -12.00
C GLU A 337 8.58 22.70 -10.50
N ARG A 338 7.82 21.92 -9.70
CA ARG A 338 8.14 21.76 -8.26
C ARG A 338 9.49 21.08 -8.10
N ARG A 339 9.77 20.08 -8.95
CA ARG A 339 11.03 19.39 -8.84
C ARG A 339 12.24 20.28 -9.20
N LYS A 340 12.10 21.16 -10.17
CA LYS A 340 13.20 22.10 -10.48
C LYS A 340 13.45 23.05 -9.27
N GLU A 341 12.38 23.46 -8.61
CA GLU A 341 12.51 24.23 -7.35
C GLU A 341 13.30 23.50 -6.27
N TYR A 342 12.96 22.21 -6.05
CA TYR A 342 13.68 21.37 -5.09
C TYR A 342 15.16 21.26 -5.49
N CYS A 343 15.43 21.02 -6.77
CA CYS A 343 16.80 20.78 -7.17
C CYS A 343 17.58 22.07 -7.05
N ALA A 344 16.95 23.18 -7.42
CA ALA A 344 17.69 24.47 -7.31
C ALA A 344 18.04 24.81 -5.85
N ALA A 345 17.08 24.61 -4.95
CA ALA A 345 17.29 24.91 -3.53
C ALA A 345 18.46 24.13 -2.97
N ASN A 346 18.57 22.86 -3.35
CA ASN A 346 19.57 21.96 -2.76
C ASN A 346 20.86 21.84 -3.54
N ARG A 347 20.92 22.62 -4.62
CA ARG A 347 22.01 22.63 -5.56
C ARG A 347 22.22 21.26 -6.13
N LEU A 348 21.10 20.65 -6.55
CA LEU A 348 21.14 19.34 -7.15
C LEU A 348 20.89 19.48 -8.67
N LYS A 349 21.28 18.44 -9.39
CA LYS A 349 21.11 18.38 -10.85
C LYS A 349 19.73 17.85 -11.21
N PHE A 350 18.90 18.70 -11.83
CA PHE A 350 17.62 18.23 -12.32
C PHE A 350 17.73 17.44 -13.62
N GLU A 351 17.05 16.27 -13.70
CA GLU A 351 17.14 15.39 -14.88
C GLU A 351 15.74 14.90 -15.14
N THR A 352 15.53 14.30 -16.32
CA THR A 352 14.23 13.73 -16.64
C THR A 352 14.39 12.25 -17.01
N PRO A 353 13.34 11.45 -16.83
CA PRO A 353 13.42 9.98 -16.99
C PRO A 353 14.06 9.56 -18.32
N HIS A 354 14.97 8.62 -18.20
CA HIS A 354 15.70 8.09 -19.34
C HIS A 354 16.17 6.71 -19.01
N GLN A 355 16.73 6.04 -19.99
CA GLN A 355 17.10 4.64 -19.87
C GLN A 355 15.96 3.71 -19.46
N LEU A 356 14.75 4.07 -19.89
CA LEU A 356 13.60 3.20 -19.62
C LEU A 356 13.54 2.15 -20.70
N MET A 357 13.25 0.92 -20.29
CA MET A 357 13.09 -0.18 -21.27
C MET A 357 11.62 -0.49 -21.31
N LEU A 358 10.97 -0.03 -22.37
CA LEU A 358 9.53 -0.19 -22.54
C LEU A 358 9.32 -1.33 -23.51
N LYS A 359 8.91 -2.49 -22.98
CA LYS A 359 8.87 -3.72 -23.77
C LYS A 359 7.51 -4.37 -23.67
N GLY A 360 6.87 -4.59 -24.83
CA GLY A 360 5.73 -5.51 -24.88
C GLY A 360 4.47 -4.92 -24.21
N ASN A 361 4.37 -3.60 -24.13
CA ASN A 361 3.21 -2.95 -23.54
C ASN A 361 2.10 -2.72 -24.55
N LEU A 362 0.85 -2.77 -24.12
CA LEU A 362 -0.28 -2.49 -25.00
C LEU A 362 -0.89 -1.18 -24.60
N PHE A 363 -1.08 -0.28 -25.58
CA PHE A 363 -1.66 1.03 -25.33
C PHE A 363 -2.86 1.12 -26.26
N PHE A 364 -4.05 1.16 -25.68
CA PHE A 364 -5.23 1.02 -26.50
C PHE A 364 -6.32 1.95 -26.03
N LYS A 365 -7.00 2.62 -26.96
CA LYS A 365 -8.15 3.45 -26.61
C LYS A 365 -9.20 3.31 -27.70
N ASP A 366 -10.44 3.10 -27.30
CA ASP A 366 -11.56 3.25 -28.25
C ASP A 366 -12.73 4.08 -27.70
N LYS A 367 -12.51 4.81 -26.61
CA LYS A 367 -13.51 5.71 -26.02
C LYS A 367 -13.01 7.10 -26.33
N PRO A 368 -13.90 8.08 -26.43
CA PRO A 368 -13.54 9.43 -26.89
C PRO A 368 -12.81 10.36 -25.89
N TYR A 369 -12.00 9.81 -24.99
CA TYR A 369 -11.19 10.67 -24.11
C TYR A 369 -10.16 11.40 -24.97
N VAL A 370 -9.64 12.53 -24.47
CA VAL A 370 -8.88 13.45 -25.33
C VAL A 370 -7.38 13.38 -25.26
N TYR A 371 -6.88 12.54 -24.37
CA TYR A 371 -5.43 12.54 -24.14
C TYR A 371 -4.67 11.58 -25.05
N PRO A 372 -3.56 12.05 -25.61
CA PRO A 372 -2.68 11.14 -26.33
C PRO A 372 -2.04 10.19 -25.37
N PHE A 373 -1.40 9.12 -25.85
CA PHE A 373 -0.97 8.14 -24.87
C PHE A 373 0.16 8.68 -23.98
N PHE A 374 1.01 9.58 -24.50
CA PHE A 374 2.21 9.94 -23.73
C PHE A 374 2.37 11.43 -23.61
N LYS A 375 2.98 11.83 -22.50
CA LYS A 375 3.37 13.24 -22.34
C LYS A 375 4.86 13.21 -21.99
N ASP A 376 5.70 13.77 -22.88
CA ASP A 376 7.10 13.90 -22.52
C ASP A 376 7.60 15.24 -23.05
N ASP A 377 7.58 16.26 -22.20
CA ASP A 377 7.97 17.61 -22.60
C ASP A 377 9.48 17.72 -22.76
N TYR A 378 10.21 16.67 -22.40
CA TYR A 378 11.68 16.67 -22.53
C TYR A 378 12.16 15.53 -23.41
N PHE A 379 11.37 15.21 -24.43
CA PHE A 379 11.71 14.06 -25.29
C PHE A 379 13.04 14.26 -25.99
N ILE A 380 13.88 13.24 -25.96
CA ILE A 380 15.14 13.25 -26.65
C ILE A 380 15.22 11.91 -27.37
N ALA A 381 15.46 11.95 -28.68
CA ALA A 381 15.58 10.71 -29.48
C ALA A 381 16.61 9.73 -28.87
N GLY A 382 16.22 8.45 -28.68
CA GLY A 382 17.17 7.44 -28.23
C GLY A 382 17.32 7.36 -26.71
N LYS A 383 16.72 8.28 -25.93
CA LYS A 383 17.00 8.26 -24.49
C LYS A 383 16.37 7.04 -23.79
N ASN A 384 15.26 6.56 -24.35
CA ASN A 384 14.60 5.33 -23.95
C ASN A 384 14.56 4.32 -25.08
N SER A 385 14.27 3.07 -24.72
CA SER A 385 14.25 1.96 -25.65
C SER A 385 12.82 1.38 -25.67
N TRP A 386 12.22 1.34 -26.86
CA TRP A 386 10.88 0.78 -27.03
C TRP A 386 10.92 -0.43 -27.94
N THR A 387 10.44 -1.60 -27.46
CA THR A 387 10.43 -2.79 -28.30
C THR A 387 9.17 -3.56 -28.05
N GLY A 388 8.48 -3.91 -29.14
CA GLY A 388 7.41 -4.89 -29.01
C GLY A 388 6.14 -4.35 -28.42
N ASN A 389 6.03 -3.02 -28.35
CA ASN A 389 4.81 -2.40 -27.87
C ASN A 389 3.78 -2.35 -28.98
N VAL A 390 2.50 -2.16 -28.62
CA VAL A 390 1.46 -1.86 -29.59
C VAL A 390 0.66 -0.65 -29.13
N ALA A 391 0.37 0.27 -30.05
CA ALA A 391 -0.31 1.49 -29.66
C ALA A 391 -1.35 1.78 -30.69
N LEU A 392 -2.60 1.87 -30.26
CA LEU A 392 -3.63 2.22 -31.25
C LEU A 392 -4.85 2.86 -30.62
N GLY A 393 -5.39 3.86 -31.30
CA GLY A 393 -6.60 4.54 -30.86
C GLY A 393 -6.56 6.05 -30.69
N VAL A 394 -5.35 6.60 -30.56
CA VAL A 394 -5.14 8.02 -30.40
C VAL A 394 -3.67 8.28 -30.74
N GLU A 395 -3.33 9.51 -31.11
CA GLU A 395 -1.92 9.88 -31.35
C GLU A 395 -1.03 9.53 -30.13
N LYS A 396 0.25 9.29 -30.37
CA LYS A 396 1.14 8.86 -29.29
C LYS A 396 1.52 10.04 -28.42
N GLY A 397 1.64 11.20 -29.04
CA GLY A 397 2.01 12.43 -28.32
C GLY A 397 3.51 12.67 -28.18
N ILE A 398 4.30 11.69 -28.60
CA ILE A 398 5.77 11.80 -28.74
C ILE A 398 6.23 11.14 -30.04
N PRO A 399 7.40 11.51 -30.57
CA PRO A 399 7.85 10.93 -31.85
C PRO A 399 8.47 9.57 -31.68
N VAL A 400 7.64 8.54 -31.44
CA VAL A 400 8.20 7.20 -31.34
C VAL A 400 7.34 6.36 -32.27
N ASN A 401 8.01 5.53 -33.05
CA ASN A 401 7.35 4.61 -33.95
C ASN A 401 6.95 3.34 -33.19
N ILE A 402 5.65 3.08 -33.11
CA ILE A 402 5.15 1.85 -32.43
C ILE A 402 4.18 1.16 -33.35
N SER A 403 4.28 -0.17 -33.40
CA SER A 403 3.36 -0.95 -34.19
C SER A 403 1.93 -0.63 -33.77
N ALA A 404 1.01 -0.64 -34.74
CA ALA A 404 -0.39 -0.37 -34.42
C ALA A 404 -1.23 -1.63 -34.63
N ASN A 405 -0.53 -2.75 -34.73
CA ASN A 405 -1.12 -4.03 -35.10
C ASN A 405 -1.53 -4.75 -33.83
N ARG A 406 -2.78 -4.57 -33.40
CA ARG A 406 -3.23 -5.21 -32.15
C ARG A 406 -3.27 -6.74 -32.24
N SER A 407 -3.66 -7.25 -33.43
CA SER A 407 -3.76 -8.71 -33.62
C SER A 407 -2.42 -9.38 -33.42
N ALA A 408 -1.34 -8.66 -33.72
CA ALA A 408 -0.01 -9.20 -33.56
C ALA A 408 0.55 -8.97 -32.13
N TYR A 409 -0.23 -8.31 -31.29
CA TYR A 409 0.24 -8.03 -29.92
C TYR A 409 0.43 -9.32 -29.11
N LYS A 410 1.63 -9.46 -28.54
CA LYS A 410 1.93 -10.52 -27.58
C LYS A 410 2.86 -9.97 -26.50
N PRO A 411 2.65 -10.32 -25.23
CA PRO A 411 3.66 -10.03 -24.22
C PRO A 411 5.00 -10.66 -24.57
N VAL A 412 6.08 -10.03 -24.12
CA VAL A 412 7.43 -10.50 -24.41
C VAL A 412 7.85 -11.48 -23.32
N LYS A 413 8.64 -12.48 -23.72
CA LYS A 413 9.30 -13.35 -22.77
C LYS A 413 10.53 -12.68 -22.18
N ILE A 414 10.69 -12.81 -20.86
CA ILE A 414 11.75 -12.15 -20.12
C ILE A 414 12.38 -13.23 -19.25
N LYS A 415 13.70 -13.26 -19.25
CA LYS A 415 14.39 -14.31 -18.50
C LYS A 415 15.56 -13.84 -17.64
N ASP A 416 15.83 -12.56 -17.64
CA ASP A 416 17.02 -12.09 -16.98
C ASP A 416 16.73 -11.45 -15.63
N ILE A 417 15.47 -11.46 -15.21
CA ILE A 417 15.10 -10.74 -13.98
C ILE A 417 15.42 -11.56 -12.72
N GLN A 418 16.24 -10.99 -11.82
CA GLN A 418 16.59 -11.70 -10.61
C GLN A 418 15.39 -11.66 -9.66
N PRO A 419 15.13 -12.76 -8.98
CA PRO A 419 14.03 -12.79 -8.02
C PRO A 419 14.41 -11.94 -6.82
N ILE A 420 13.46 -11.68 -5.94
CA ILE A 420 13.79 -11.01 -4.69
C ILE A 420 14.06 -12.04 -3.61
N GLU A 421 15.27 -12.00 -3.02
CA GLU A 421 15.61 -12.89 -1.89
C GLU A 421 14.53 -12.84 -0.80
N GLY A 422 14.09 -14.01 -0.38
CA GLY A 422 13.08 -14.12 0.67
C GLY A 422 11.64 -14.06 0.17
N ILE A 423 11.43 -13.82 -1.14
CA ILE A 423 10.07 -13.80 -1.63
C ILE A 423 9.93 -14.89 -2.69
N ALA A 424 9.09 -15.89 -2.42
CA ALA A 424 9.00 -17.10 -3.30
C ALA A 424 8.13 -16.88 -4.53
N LEU A 425 8.48 -15.88 -5.34
CA LEU A 425 7.88 -15.69 -6.65
C LEU A 425 8.92 -15.69 -7.72
N ASP A 426 8.56 -16.35 -8.81
CA ASP A 426 9.40 -16.44 -9.98
C ASP A 426 9.05 -15.31 -10.93
N LEU A 427 9.81 -14.22 -10.84
CA LEU A 427 9.47 -13.01 -11.55
C LEU A 427 9.53 -13.17 -13.05
N ASN A 428 10.55 -13.89 -13.56
CA ASN A 428 10.59 -14.15 -15.00
C ASN A 428 9.37 -14.86 -15.48
N ALA A 429 8.95 -15.87 -14.74
CA ALA A 429 7.81 -16.68 -15.16
C ALA A 429 6.56 -15.85 -15.17
N LEU A 430 6.35 -15.07 -14.12
CA LEU A 430 5.11 -14.29 -14.01
C LEU A 430 5.09 -13.20 -15.08
N ILE A 431 6.23 -12.57 -15.35
CA ILE A 431 6.25 -11.52 -16.35
C ILE A 431 5.98 -12.14 -17.70
N SER A 432 6.57 -13.31 -17.94
CA SER A 432 6.47 -13.88 -19.30
C SER A 432 5.11 -14.40 -19.63
N LYS A 433 4.30 -14.66 -18.62
CA LYS A 433 2.92 -15.10 -18.78
C LYS A 433 1.98 -13.98 -19.28
N GLY A 434 2.37 -12.72 -19.10
CA GLY A 434 1.49 -11.62 -19.42
C GLY A 434 0.56 -11.35 -18.23
N ILE A 435 -0.56 -10.68 -18.48
CA ILE A 435 -1.53 -10.31 -17.43
C ILE A 435 -2.48 -11.47 -17.17
N THR A 436 -2.50 -12.02 -15.96
CA THR A 436 -3.41 -13.12 -15.67
C THR A 436 -4.53 -12.64 -14.75
N GLY A 437 -5.64 -13.36 -14.78
CA GLY A 437 -6.68 -13.14 -13.78
C GLY A 437 -7.46 -11.85 -14.03
N LYS A 438 -8.08 -11.34 -12.98
CA LYS A 438 -8.95 -10.18 -13.12
C LYS A 438 -9.02 -9.49 -11.74
N PRO A 439 -9.65 -8.33 -11.67
CA PRO A 439 -9.81 -7.65 -10.36
C PRO A 439 -10.42 -8.54 -9.28
N LEU A 440 -9.88 -8.41 -8.07
CA LEU A 440 -10.42 -9.12 -6.93
C LEU A 440 -11.68 -8.50 -6.37
N SER A 441 -12.56 -9.38 -5.86
CA SER A 441 -13.80 -8.96 -5.22
C SER A 441 -13.65 -9.14 -3.71
N TRP A 442 -14.56 -8.49 -3.01
CA TRP A 442 -14.67 -8.61 -1.53
C TRP A 442 -14.70 -10.10 -1.10
N ASP A 443 -15.46 -10.95 -1.79
CA ASP A 443 -15.54 -12.34 -1.34
C ASP A 443 -14.21 -13.07 -1.44
N GLU A 444 -13.30 -12.54 -2.25
CA GLU A 444 -12.02 -13.20 -2.42
C GLU A 444 -11.00 -12.81 -1.36
N VAL A 445 -11.27 -11.74 -0.59
CA VAL A 445 -10.31 -11.34 0.43
C VAL A 445 -10.91 -11.36 1.85
N ARG A 446 -12.24 -11.39 1.98
CA ARG A 446 -12.90 -11.17 3.29
C ARG A 446 -12.48 -12.14 4.43
N PRO A 447 -12.54 -11.70 5.69
CA PRO A 447 -12.39 -12.63 6.82
C PRO A 447 -13.36 -13.81 6.62
N TYR A 448 -12.89 -15.00 6.96
CA TYR A 448 -13.68 -16.21 6.67
C TYR A 448 -15.07 -16.18 7.32
N TRP A 449 -15.14 -15.49 8.44
CA TRP A 449 -16.36 -15.47 9.27
C TRP A 449 -17.31 -14.31 8.94
N LEU A 450 -16.91 -13.43 8.03
CA LEU A 450 -17.63 -12.14 7.84
C LEU A 450 -18.22 -12.07 6.44
N LYS A 451 -19.52 -12.15 6.29
CA LYS A 451 -20.03 -12.10 4.92
C LYS A 451 -20.25 -10.66 4.44
N GLU A 452 -20.77 -9.81 5.32
CA GLU A 452 -21.10 -8.45 4.93
C GLU A 452 -19.91 -7.49 5.02
N MET A 453 -19.63 -6.78 3.94
CA MET A 453 -18.58 -5.76 3.94
C MET A 453 -18.86 -4.64 4.98
N PRO A 454 -17.95 -4.35 5.92
CA PRO A 454 -18.20 -3.27 6.86
C PRO A 454 -17.91 -1.91 6.23
N GLY A 455 -18.25 -0.87 6.98
CA GLY A 455 -17.94 0.48 6.59
C GLY A 455 -19.08 1.16 5.83
N THR A 456 -18.99 2.47 5.73
CA THR A 456 -20.02 3.25 5.09
C THR A 456 -19.54 3.87 3.81
N TYR A 457 -18.21 3.92 3.64
CA TYR A 457 -17.59 4.68 2.56
C TYR A 457 -17.40 3.89 1.27
N ALA A 458 -17.13 2.59 1.36
CA ALA A 458 -16.71 1.85 0.17
C ALA A 458 -17.72 1.85 -0.95
N LEU A 459 -18.98 1.61 -0.59
CA LEU A 459 -20.03 1.60 -1.59
C LEU A 459 -20.63 2.97 -1.96
N THR A 460 -20.28 4.05 -1.24
CA THR A 460 -21.04 5.29 -1.35
C THR A 460 -20.17 6.55 -1.59
N ALA A 461 -18.89 6.44 -1.25
CA ALA A 461 -17.98 7.60 -1.28
C ALA A 461 -18.42 8.70 -0.31
N ARG A 462 -19.15 8.29 0.73
CA ARG A 462 -19.52 9.24 1.79
C ARG A 462 -19.64 8.57 3.13
N LEU A 463 -19.08 9.19 4.14
CA LEU A 463 -19.30 8.65 5.46
C LEU A 463 -20.73 8.88 5.90
N SER A 464 -21.25 7.96 6.72
CA SER A 464 -22.56 8.11 7.34
C SER A 464 -22.53 9.37 8.25
N ALA A 465 -23.71 9.87 8.61
CA ALA A 465 -23.75 11.18 9.32
C ALA A 465 -22.91 11.19 10.62
N ASP A 466 -23.06 10.15 11.45
CA ASP A 466 -22.35 10.08 12.72
C ASP A 466 -20.82 10.02 12.57
N ARG A 467 -20.36 9.20 11.63
CA ARG A 467 -18.93 9.10 11.33
C ARG A 467 -18.38 10.37 10.69
N ALA A 468 -19.18 11.00 9.82
CA ALA A 468 -18.81 12.30 9.27
C ALA A 468 -18.60 13.34 10.37
N ALA A 469 -19.46 13.33 11.41
CA ALA A 469 -19.31 14.31 12.48
C ALA A 469 -18.00 14.11 13.24
N LYS A 470 -17.68 12.87 13.52
CA LYS A 470 -16.39 12.55 14.19
C LYS A 470 -15.18 12.94 13.34
N PHE A 471 -15.26 12.65 12.05
CA PHE A 471 -14.19 13.03 11.12
C PHE A 471 -13.95 14.54 11.13
N LYS A 472 -15.04 15.30 11.08
CA LYS A 472 -14.93 16.78 11.12
C LYS A 472 -14.24 17.24 12.38
N ALA A 473 -14.57 16.62 13.50
CA ALA A 473 -13.91 16.98 14.77
C ALA A 473 -12.40 16.65 14.78
N VAL A 474 -12.02 15.51 14.20
CA VAL A 474 -10.60 15.19 14.08
C VAL A 474 -9.88 16.23 13.20
N ILE A 475 -10.47 16.55 12.06
CA ILE A 475 -9.77 17.44 11.12
C ILE A 475 -9.59 18.81 11.77
N LYS A 476 -10.65 19.25 12.49
CA LYS A 476 -10.61 20.57 13.13
C LYS A 476 -9.50 20.67 14.19
N ARG A 477 -9.37 19.64 15.01
CA ARG A 477 -8.39 19.74 16.10
C ARG A 477 -6.93 19.56 15.63
N ASN A 478 -6.77 19.17 14.36
CA ASN A 478 -5.45 18.91 13.84
C ASN A 478 -4.94 20.08 13.05
N LYS A 479 -5.79 21.07 12.84
CA LYS A 479 -5.35 22.22 12.06
C LYS A 479 -5.22 23.48 12.92
N GLU A 480 -4.84 24.58 12.30
CA GLU A 480 -4.58 25.82 13.00
C GLU A 480 -5.81 26.24 13.81
N HIS A 481 -5.56 26.81 14.98
CA HIS A 481 -6.66 27.23 15.83
C HIS A 481 -7.39 28.39 15.16
#